data_1LE3
#
_entry.id   1LE3
#
_entity_poly.entity_id   1
_entity_poly.type   'polypeptide(L)'
_entity_poly.pdbx_seq_one_letter_code
;GEWTWDDATKTWTWTE(NH2)
;
_entity_poly.pdbx_strand_id   A
#
# COMPACT_ATOMS: atom_id res chain seq x y z
N GLY A 1 -4.19 -1.49 -10.45
CA GLY A 1 -2.80 -1.91 -10.71
C GLY A 1 -1.86 -0.79 -10.35
N GLU A 2 -1.79 -0.48 -9.05
CA GLU A 2 -1.12 0.70 -8.51
C GLU A 2 -0.70 0.48 -7.04
N TRP A 3 -0.07 1.49 -6.42
CA TRP A 3 0.44 1.40 -5.04
C TRP A 3 -0.24 2.41 -4.12
N THR A 4 -0.58 1.94 -2.92
CA THR A 4 -1.26 2.68 -1.85
C THR A 4 -0.56 2.43 -0.51
N TRP A 5 -0.48 3.48 0.30
CA TRP A 5 0.24 3.51 1.56
C TRP A 5 -0.60 2.98 2.72
N ASP A 6 0.03 2.18 3.59
CA ASP A 6 -0.66 1.44 4.64
C ASP A 6 0.02 1.64 6.00
N ASP A 7 -0.43 2.65 6.75
CA ASP A 7 0.05 3.01 8.09
C ASP A 7 0.01 1.87 9.11
N ALA A 8 -0.93 0.92 8.95
CA ALA A 8 -0.97 -0.32 9.72
C ALA A 8 0.30 -1.19 9.57
N THR A 9 1.15 -0.88 8.57
CA THR A 9 2.48 -1.48 8.37
C THR A 9 3.61 -0.48 8.14
N LYS A 10 3.32 0.79 7.83
CA LYS A 10 4.28 1.84 7.45
C LYS A 10 5.09 1.48 6.20
N THR A 11 4.41 0.87 5.22
CA THR A 11 5.00 0.56 3.93
C THR A 11 3.94 0.75 2.82
N TRP A 12 4.30 0.37 1.60
CA TRP A 12 3.41 0.40 0.46
C TRP A 12 2.78 -0.97 0.24
N THR A 13 1.58 -0.92 -0.34
CA THR A 13 0.75 -2.08 -0.65
C THR A 13 0.27 -1.96 -2.09
N TRP A 14 0.36 -3.07 -2.80
CA TRP A 14 -0.09 -3.20 -4.16
C TRP A 14 -1.58 -3.47 -4.21
N THR A 15 -2.29 -2.65 -4.99
CA THR A 15 -3.71 -2.80 -5.28
C THR A 15 -3.82 -3.37 -6.68
N GLU A 16 -4.10 -4.66 -6.77
CA GLU A 16 -4.33 -5.32 -8.05
C GLU A 16 -5.65 -4.88 -8.70
N GLY A 1 -2.85 -0.88 -11.94
CA GLY A 1 -1.69 -1.40 -11.19
C GLY A 1 -0.92 -0.26 -10.53
N GLU A 2 -1.23 0.03 -9.27
CA GLU A 2 -0.58 1.10 -8.49
C GLU A 2 -0.24 0.67 -7.05
N TRP A 3 0.33 1.62 -6.28
CA TRP A 3 0.65 1.45 -4.87
C TRP A 3 -0.22 2.36 -4.01
N THR A 4 -0.74 1.77 -2.93
CA THR A 4 -1.44 2.41 -1.81
C THR A 4 -0.53 2.41 -0.60
N TRP A 5 -0.68 3.38 0.30
CA TRP A 5 0.07 3.45 1.54
C TRP A 5 -0.75 2.81 2.68
N ASP A 6 -0.07 2.05 3.54
CA ASP A 6 -0.69 1.26 4.60
C ASP A 6 -0.06 1.61 5.96
N ASP A 7 -0.66 2.61 6.61
CA ASP A 7 -0.25 3.15 7.90
C ASP A 7 -0.18 2.15 9.07
N ALA A 8 -0.74 0.94 8.96
CA ALA A 8 -0.65 -0.10 10.00
C ALA A 8 0.60 -1.01 9.85
N THR A 9 1.35 -0.86 8.75
CA THR A 9 2.60 -1.58 8.45
C THR A 9 3.73 -0.64 7.99
N LYS A 10 3.51 0.69 8.04
CA LYS A 10 4.44 1.76 7.61
C LYS A 10 5.13 1.43 6.29
N THR A 11 4.34 0.95 5.34
CA THR A 11 4.81 0.40 4.07
C THR A 11 3.81 0.64 2.95
N TRP A 12 4.21 0.31 1.73
CA TRP A 12 3.38 0.40 0.54
C TRP A 12 2.80 -0.98 0.19
N THR A 13 1.61 -0.98 -0.40
CA THR A 13 0.82 -2.16 -0.77
C THR A 13 0.21 -1.99 -2.16
N TRP A 14 0.32 -3.01 -3.01
CA TRP A 14 -0.09 -2.97 -4.41
C TRP A 14 -1.59 -3.26 -4.62
N THR A 15 -2.21 -2.51 -5.54
CA THR A 15 -3.57 -2.76 -6.01
C THR A 15 -3.67 -2.60 -7.51
N GLU A 16 -4.24 -3.61 -8.17
CA GLU A 16 -4.33 -3.75 -9.63
C GLU A 16 -5.76 -3.53 -10.16
N GLY A 1 -1.79 -1.30 -12.09
CA GLY A 1 -2.55 -0.66 -11.01
C GLY A 1 -1.78 0.54 -10.46
N GLU A 2 -1.89 0.76 -9.16
CA GLU A 2 -1.09 1.75 -8.44
C GLU A 2 -0.68 1.22 -7.06
N TRP A 3 0.23 1.91 -6.40
CA TRP A 3 0.58 1.61 -5.02
C TRP A 3 -0.33 2.41 -4.07
N THR A 4 -0.69 1.77 -2.96
CA THR A 4 -1.49 2.35 -1.88
C THR A 4 -0.73 2.17 -0.57
N TRP A 5 -0.50 3.26 0.14
CA TRP A 5 0.21 3.27 1.41
C TRP A 5 -0.63 2.59 2.51
N ASP A 6 0.05 1.99 3.48
CA ASP A 6 -0.58 1.20 4.53
C ASP A 6 0.09 1.50 5.88
N ASP A 7 -0.33 2.59 6.51
CA ASP A 7 0.18 3.07 7.79
C ASP A 7 0.08 2.06 8.94
N ALA A 8 -0.78 1.03 8.80
CA ALA A 8 -0.86 -0.11 9.72
C ALA A 8 0.43 -0.95 9.77
N THR A 9 1.28 -0.84 8.74
CA THR A 9 2.57 -1.52 8.59
C THR A 9 3.66 -0.55 8.10
N LYS A 10 3.40 0.76 8.18
CA LYS A 10 4.23 1.89 7.67
C LYS A 10 5.01 1.56 6.39
N THR A 11 4.32 0.92 5.44
CA THR A 11 4.89 0.40 4.19
C THR A 11 3.88 0.64 3.05
N TRP A 12 4.26 0.39 1.80
CA TRP A 12 3.32 0.46 0.67
C TRP A 12 2.82 -0.95 0.32
N THR A 13 1.57 -1.06 -0.13
CA THR A 13 0.96 -2.28 -0.71
C THR A 13 0.39 -1.99 -2.10
N TRP A 14 0.19 -3.02 -2.92
CA TRP A 14 -0.22 -2.86 -4.32
C TRP A 14 -1.74 -2.96 -4.47
N THR A 15 -2.28 -2.12 -5.35
CA THR A 15 -3.71 -1.91 -5.60
C THR A 15 -3.96 -2.04 -7.10
N GLU A 16 -4.70 -3.07 -7.52
CA GLU A 16 -4.88 -3.40 -8.94
C GLU A 16 -6.35 -3.38 -9.43
N GLY A 1 -3.79 -1.50 -10.91
CA GLY A 1 -2.34 -1.68 -10.80
C GLY A 1 -1.67 -0.40 -10.35
N GLU A 2 -1.85 -0.06 -9.07
CA GLU A 2 -1.26 1.12 -8.46
C GLU A 2 -0.79 0.82 -7.03
N TRP A 3 0.04 1.71 -6.47
CA TRP A 3 0.59 1.57 -5.12
C TRP A 3 -0.19 2.45 -4.15
N THR A 4 -0.46 1.91 -2.95
CA THR A 4 -1.25 2.55 -1.88
C THR A 4 -0.56 2.39 -0.53
N TRP A 5 -0.72 3.37 0.37
CA TRP A 5 -0.01 3.41 1.64
C TRP A 5 -0.79 2.65 2.73
N ASP A 6 -0.04 2.05 3.65
CA ASP A 6 -0.59 1.15 4.65
C ASP A 6 -0.05 1.50 6.05
N ASP A 7 -0.70 2.50 6.65
CA ASP A 7 -0.42 3.11 7.97
C ASP A 7 -0.31 2.11 9.12
N ALA A 8 -1.01 0.98 9.08
CA ALA A 8 -0.85 -0.09 10.07
C ALA A 8 0.53 -0.78 9.97
N THR A 9 1.17 -0.76 8.79
CA THR A 9 2.38 -1.53 8.45
C THR A 9 3.63 -0.68 8.14
N LYS A 10 3.44 0.62 7.80
CA LYS A 10 4.46 1.65 7.50
C LYS A 10 5.22 1.40 6.19
N THR A 11 4.54 0.78 5.21
CA THR A 11 5.11 0.53 3.89
C THR A 11 3.98 0.54 2.84
N TRP A 12 4.32 0.25 1.58
CA TRP A 12 3.41 0.39 0.45
C TRP A 12 2.91 -0.99 -0.01
N THR A 13 1.60 -1.13 -0.15
CA THR A 13 0.95 -2.30 -0.77
C THR A 13 0.41 -1.94 -2.16
N TRP A 14 0.11 -2.94 -2.96
CA TRP A 14 -0.31 -2.83 -4.36
C TRP A 14 -1.79 -3.21 -4.44
N THR A 15 -2.57 -2.46 -5.22
CA THR A 15 -4.00 -2.73 -5.45
C THR A 15 -4.30 -2.79 -6.94
N GLU A 16 -5.27 -3.64 -7.28
CA GLU A 16 -5.60 -4.06 -8.64
C GLU A 16 -7.06 -3.73 -8.95
N GLY A 1 -4.15 -1.21 -11.20
CA GLY A 1 -2.83 -1.71 -10.78
C GLY A 1 -1.95 -0.57 -10.32
N GLU A 2 -2.04 -0.17 -9.04
CA GLU A 2 -1.22 0.92 -8.52
C GLU A 2 -0.67 0.63 -7.11
N TRP A 3 0.11 1.57 -6.54
CA TRP A 3 0.60 1.46 -5.17
C TRP A 3 -0.21 2.34 -4.21
N THR A 4 -0.47 1.82 -3.01
CA THR A 4 -1.33 2.37 -1.93
C THR A 4 -0.63 2.25 -0.57
N TRP A 5 -0.57 3.35 0.19
CA TRP A 5 0.11 3.42 1.50
C TRP A 5 -0.69 2.73 2.62
N ASP A 6 0.03 2.10 3.56
CA ASP A 6 -0.51 1.23 4.60
C ASP A 6 0.15 1.60 5.94
N ASP A 7 -0.45 2.58 6.62
CA ASP A 7 0.04 3.09 7.91
C ASP A 7 0.01 2.03 9.04
N ALA A 8 -0.77 0.95 8.90
CA ALA A 8 -0.85 -0.13 9.88
C ALA A 8 0.45 -0.95 10.07
N THR A 9 1.32 -1.03 9.06
CA THR A 9 2.70 -1.59 9.14
C THR A 9 3.75 -0.65 8.49
N LYS A 10 3.39 0.62 8.27
CA LYS A 10 4.14 1.69 7.56
C LYS A 10 4.92 1.21 6.32
N THR A 11 4.19 0.79 5.29
CA THR A 11 4.74 0.44 3.97
C THR A 11 3.76 0.77 2.82
N TRP A 12 4.19 0.54 1.58
CA TRP A 12 3.31 0.64 0.40
C TRP A 12 2.88 -0.76 -0.05
N THR A 13 1.65 -0.87 -0.52
CA THR A 13 0.94 -2.10 -0.88
C THR A 13 0.28 -1.93 -2.24
N TRP A 14 0.36 -2.95 -3.08
CA TRP A 14 -0.16 -2.93 -4.43
C TRP A 14 -1.68 -3.14 -4.44
N THR A 15 -2.40 -2.37 -5.25
CA THR A 15 -3.85 -2.39 -5.38
C THR A 15 -4.22 -2.75 -6.81
N GLU A 16 -4.99 -3.83 -6.91
CA GLU A 16 -5.55 -4.40 -8.13
C GLU A 16 -7.08 -4.58 -8.04
N GLY A 1 -3.75 -0.65 -11.18
CA GLY A 1 -2.42 -1.22 -10.90
C GLY A 1 -1.53 -0.17 -10.25
N GLU A 2 -1.76 0.14 -8.97
CA GLU A 2 -1.04 1.18 -8.25
C GLU A 2 -0.68 0.77 -6.82
N TRP A 3 0.28 1.47 -6.22
CA TRP A 3 0.60 1.33 -4.81
C TRP A 3 -0.25 2.28 -3.96
N THR A 4 -0.80 1.75 -2.86
CA THR A 4 -1.47 2.53 -1.80
C THR A 4 -0.52 2.55 -0.59
N TRP A 5 -0.51 3.62 0.20
CA TRP A 5 0.27 3.68 1.44
C TRP A 5 -0.50 2.96 2.56
N ASP A 6 0.19 2.21 3.43
CA ASP A 6 -0.45 1.40 4.46
C ASP A 6 0.08 1.72 5.87
N ASP A 7 -0.67 2.58 6.55
CA ASP A 7 -0.49 3.02 7.93
C ASP A 7 -0.33 1.87 8.94
N ALA A 8 -0.95 0.72 8.70
CA ALA A 8 -0.82 -0.46 9.55
C ALA A 8 0.51 -1.22 9.41
N THR A 9 1.29 -0.98 8.35
CA THR A 9 2.60 -1.62 8.07
C THR A 9 3.71 -0.59 7.83
N LYS A 10 3.42 0.70 7.98
CA LYS A 10 4.28 1.85 7.60
C LYS A 10 5.08 1.55 6.32
N THR A 11 4.38 0.98 5.34
CA THR A 11 4.93 0.47 4.08
C THR A 11 3.91 0.69 2.97
N TRP A 12 4.29 0.40 1.72
CA TRP A 12 3.41 0.49 0.57
C TRP A 12 2.84 -0.90 0.30
N THR A 13 1.57 -0.98 -0.09
CA THR A 13 0.89 -2.23 -0.45
C THR A 13 0.20 -2.06 -1.79
N TRP A 14 0.16 -3.13 -2.57
CA TRP A 14 -0.27 -3.05 -3.96
C TRP A 14 -1.77 -3.23 -4.12
N THR A 15 -2.32 -2.41 -5.00
CA THR A 15 -3.73 -2.25 -5.30
C THR A 15 -3.91 -2.42 -6.80
N GLU A 16 -4.42 -3.59 -7.19
CA GLU A 16 -4.49 -4.09 -8.58
C GLU A 16 -5.30 -3.24 -9.58
N GLY A 1 -3.55 -2.60 -11.51
CA GLY A 1 -3.62 -2.22 -10.08
C GLY A 1 -2.87 -0.92 -9.81
N GLU A 2 -2.87 -0.48 -8.55
CA GLU A 2 -2.21 0.76 -8.15
C GLU A 2 -1.42 0.59 -6.83
N TRP A 3 -0.45 1.48 -6.58
CA TRP A 3 0.38 1.45 -5.37
C TRP A 3 -0.22 2.39 -4.33
N THR A 4 -0.46 1.87 -3.11
CA THR A 4 -1.22 2.53 -2.04
C THR A 4 -0.50 2.40 -0.69
N TRP A 5 -0.50 3.47 0.12
CA TRP A 5 0.23 3.53 1.39
C TRP A 5 -0.57 2.91 2.55
N ASP A 6 0.13 2.28 3.50
CA ASP A 6 -0.48 1.49 4.58
C ASP A 6 0.22 1.66 5.95
N ASP A 7 -0.28 2.60 6.74
CA ASP A 7 0.12 2.97 8.10
C ASP A 7 0.03 1.83 9.15
N ALA A 8 -0.86 0.84 8.95
CA ALA A 8 -1.00 -0.34 9.81
C ALA A 8 0.25 -1.25 9.83
N THR A 9 1.20 -1.02 8.93
CA THR A 9 2.55 -1.61 8.90
C THR A 9 3.63 -0.59 8.53
N LYS A 10 3.23 0.59 8.02
CA LYS A 10 4.02 1.73 7.54
C LYS A 10 4.82 1.37 6.27
N THR A 11 4.10 0.95 5.22
CA THR A 11 4.69 0.52 3.94
C THR A 11 3.84 0.88 2.70
N TRP A 12 4.35 0.56 1.49
CA TRP A 12 3.60 0.63 0.23
C TRP A 12 3.09 -0.77 -0.13
N THR A 13 1.78 -0.87 -0.29
CA THR A 13 1.05 -2.12 -0.59
C THR A 13 0.39 -1.96 -1.97
N TRP A 14 0.25 -3.06 -2.70
CA TRP A 14 -0.37 -3.05 -4.03
C TRP A 14 -1.87 -3.34 -3.92
N THR A 15 -2.65 -2.58 -4.70
CA THR A 15 -4.12 -2.59 -4.70
C THR A 15 -4.56 -2.90 -6.11
N GLU A 16 -4.74 -4.19 -6.39
CA GLU A 16 -5.01 -4.68 -7.75
C GLU A 16 -6.41 -4.33 -8.28
N GLY A 1 -3.75 -0.96 -12.24
CA GLY A 1 -3.12 -1.35 -10.98
C GLY A 1 -2.08 -0.32 -10.54
N GLU A 2 -2.13 0.05 -9.27
CA GLU A 2 -1.37 1.15 -8.67
C GLU A 2 -0.85 0.77 -7.26
N TRP A 3 0.08 1.54 -6.69
CA TRP A 3 0.54 1.35 -5.30
C TRP A 3 -0.12 2.37 -4.34
N THR A 4 -0.43 1.94 -3.10
CA THR A 4 -1.08 2.69 -2.01
C THR A 4 -0.45 2.39 -0.63
N TRP A 5 -0.75 3.19 0.39
CA TRP A 5 -0.08 3.17 1.71
C TRP A 5 -0.87 2.40 2.76
N ASP A 6 -0.17 1.68 3.65
CA ASP A 6 -0.77 0.93 4.75
C ASP A 6 -0.11 1.31 6.09
N ASP A 7 -0.58 2.41 6.67
CA ASP A 7 -0.12 3.05 7.91
C ASP A 7 -0.01 2.09 9.12
N ALA A 8 -0.85 1.07 9.18
CA ALA A 8 -0.76 -0.02 10.16
C ALA A 8 0.56 -0.81 10.10
N THR A 9 1.27 -0.73 8.97
CA THR A 9 2.53 -1.41 8.60
C THR A 9 3.67 -0.43 8.34
N LYS A 10 3.36 0.83 8.02
CA LYS A 10 4.32 1.84 7.53
C LYS A 10 5.05 1.38 6.24
N THR A 11 4.37 0.59 5.41
CA THR A 11 4.82 0.12 4.08
C THR A 11 3.85 0.58 2.98
N TRP A 12 4.27 0.44 1.71
CA TRP A 12 3.43 0.61 0.51
C TRP A 12 2.98 -0.78 0.01
N THR A 13 1.81 -0.85 -0.63
CA THR A 13 1.10 -2.07 -1.04
C THR A 13 0.42 -1.87 -2.41
N TRP A 14 0.11 -2.95 -3.14
CA TRP A 14 -0.49 -2.89 -4.49
C TRP A 14 -2.02 -3.03 -4.46
N THR A 15 -2.71 -2.29 -5.33
CA THR A 15 -4.18 -2.35 -5.53
C THR A 15 -4.53 -2.24 -7.02
N GLU A 16 -5.74 -2.63 -7.43
CA GLU A 16 -6.13 -2.77 -8.84
C GLU A 16 -6.91 -1.58 -9.43
N GLY A 1 -2.90 -3.55 -11.20
CA GLY A 1 -3.47 -2.27 -10.73
C GLY A 1 -2.39 -1.23 -10.39
N GLU A 2 -2.39 -0.76 -9.15
CA GLU A 2 -1.60 0.38 -8.66
C GLU A 2 -1.09 0.18 -7.20
N TRP A 3 -0.41 1.18 -6.62
CA TRP A 3 0.19 1.14 -5.28
C TRP A 3 -0.50 2.14 -4.32
N THR A 4 -0.50 1.84 -3.01
CA THR A 4 -1.05 2.68 -1.91
C THR A 4 -0.15 2.65 -0.67
N TRP A 5 -0.25 3.63 0.22
CA TRP A 5 0.42 3.62 1.54
C TRP A 5 -0.49 3.02 2.61
N ASP A 6 0.08 2.26 3.55
CA ASP A 6 -0.69 1.49 4.55
C ASP A 6 -0.13 1.68 5.96
N ASP A 7 -0.80 2.53 6.76
CA ASP A 7 -0.31 2.94 8.08
C ASP A 7 -0.22 1.81 9.12
N ALA A 8 -0.99 0.71 8.97
CA ALA A 8 -0.86 -0.48 9.81
C ALA A 8 0.38 -1.35 9.46
N THR A 9 1.19 -0.93 8.49
CA THR A 9 2.52 -1.53 8.19
C THR A 9 3.65 -0.51 8.12
N LYS A 10 3.34 0.77 7.86
CA LYS A 10 4.31 1.83 7.53
C LYS A 10 5.17 1.44 6.32
N THR A 11 4.51 0.81 5.35
CA THR A 11 5.05 0.43 4.05
C THR A 11 4.03 0.74 2.95
N TRP A 12 4.38 0.43 1.71
CA TRP A 12 3.49 0.53 0.56
C TRP A 12 2.87 -0.85 0.26
N THR A 13 1.65 -0.84 -0.26
CA THR A 13 0.81 -2.01 -0.53
C THR A 13 0.20 -1.89 -1.92
N TRP A 14 0.35 -2.96 -2.70
CA TRP A 14 -0.16 -3.07 -4.05
C TRP A 14 -1.66 -3.33 -4.03
N THR A 15 -2.34 -2.86 -5.07
CA THR A 15 -3.79 -2.86 -5.23
C THR A 15 -4.09 -3.32 -6.64
N GLU A 16 -4.65 -4.51 -6.76
CA GLU A 16 -4.84 -5.28 -7.99
C GLU A 16 -5.76 -4.64 -9.06
N GLY A 1 -4.11 -1.16 -11.30
CA GLY A 1 -2.76 -1.62 -10.93
C GLY A 1 -1.90 -0.46 -10.44
N GLU A 2 -1.96 -0.17 -9.14
CA GLU A 2 -1.23 0.97 -8.54
C GLU A 2 -0.77 0.68 -7.10
N TRP A 3 0.10 1.55 -6.56
CA TRP A 3 0.63 1.47 -5.20
C TRP A 3 -0.11 2.39 -4.23
N THR A 4 -0.55 1.83 -3.09
CA THR A 4 -1.31 2.51 -2.03
C THR A 4 -0.56 2.40 -0.68
N TRP A 5 -0.76 3.34 0.25
CA TRP A 5 -0.03 3.42 1.53
C TRP A 5 -0.85 2.86 2.70
N ASP A 6 -0.18 2.18 3.64
CA ASP A 6 -0.82 1.49 4.77
C ASP A 6 -0.04 1.70 6.10
N ASP A 7 -0.43 2.73 6.87
CA ASP A 7 0.19 3.11 8.14
C ASP A 7 0.27 1.99 9.18
N ALA A 8 -0.71 1.07 9.26
CA ALA A 8 -0.65 -0.08 10.17
C ALA A 8 0.47 -1.09 9.83
N THR A 9 1.20 -0.85 8.72
CA THR A 9 2.42 -1.55 8.32
C THR A 9 3.55 -0.59 7.97
N LYS A 10 3.34 0.74 8.08
CA LYS A 10 4.20 1.84 7.59
C LYS A 10 4.95 1.44 6.30
N THR A 11 4.20 0.88 5.34
CA THR A 11 4.69 0.31 4.08
C THR A 11 3.73 0.67 2.94
N TRP A 12 4.16 0.42 1.69
CA TRP A 12 3.34 0.50 0.49
C TRP A 12 2.84 -0.89 0.12
N THR A 13 1.60 -0.98 -0.36
CA THR A 13 0.91 -2.22 -0.72
C THR A 13 0.34 -2.06 -2.13
N TRP A 14 0.49 -3.10 -2.95
CA TRP A 14 -0.01 -3.10 -4.33
C TRP A 14 -1.53 -3.31 -4.35
N THR A 15 -2.19 -2.64 -5.30
CA THR A 15 -3.65 -2.51 -5.38
C THR A 15 -4.14 -2.68 -6.84
N GLU A 16 -4.93 -3.73 -7.07
CA GLU A 16 -5.36 -4.24 -8.39
C GLU A 16 -6.38 -3.37 -9.13
N GLY A 1 -4.53 -0.15 -11.68
CA GLY A 1 -3.25 -0.70 -11.18
C GLY A 1 -2.44 0.40 -10.48
N GLU A 2 -2.42 0.39 -9.14
CA GLU A 2 -1.80 1.45 -8.35
C GLU A 2 -1.31 0.98 -6.97
N TRP A 3 -0.34 1.71 -6.41
CA TRP A 3 0.20 1.47 -5.07
C TRP A 3 -0.58 2.25 -4.01
N THR A 4 -0.63 1.72 -2.79
CA THR A 4 -1.33 2.31 -1.64
C THR A 4 -0.48 2.17 -0.38
N TRP A 5 -0.33 3.30 0.35
CA TRP A 5 0.34 3.38 1.64
C TRP A 5 -0.55 2.85 2.77
N ASP A 6 0.05 2.23 3.78
CA ASP A 6 -0.68 1.56 4.86
C ASP A 6 -0.07 1.84 6.24
N ASP A 7 -0.54 2.87 6.95
CA ASP A 7 0.00 3.28 8.25
C ASP A 7 -0.09 2.21 9.36
N ALA A 8 -0.90 1.16 9.18
CA ALA A 8 -0.93 0.01 10.08
C ALA A 8 0.29 -0.93 9.90
N THR A 9 1.08 -0.76 8.83
CA THR A 9 2.35 -1.48 8.58
C THR A 9 3.54 -0.56 8.23
N LYS A 10 3.32 0.70 7.86
CA LYS A 10 4.34 1.69 7.46
C LYS A 10 5.10 1.28 6.19
N THR A 11 4.35 0.74 5.23
CA THR A 11 4.80 0.21 3.95
C THR A 11 3.85 0.59 2.81
N TRP A 12 4.32 0.38 1.58
CA TRP A 12 3.54 0.49 0.35
C TRP A 12 3.13 -0.90 -0.15
N THR A 13 1.94 -0.98 -0.76
CA THR A 13 1.28 -2.22 -1.17
C THR A 13 0.58 -2.03 -2.54
N TRP A 14 0.40 -3.10 -3.34
CA TRP A 14 -0.16 -2.97 -4.69
C TRP A 14 -1.65 -3.31 -4.74
N THR A 15 -2.41 -2.56 -5.54
CA THR A 15 -3.85 -2.71 -5.77
C THR A 15 -4.20 -2.69 -7.25
N GLU A 16 -5.28 -3.38 -7.62
CA GLU A 16 -5.73 -3.56 -9.01
C GLU A 16 -6.39 -2.30 -9.61
N GLY A 1 -2.37 -2.96 -11.82
CA GLY A 1 -2.82 -1.91 -10.89
C GLY A 1 -1.75 -0.88 -10.55
N GLU A 2 -1.80 -0.35 -9.32
CA GLU A 2 -0.93 0.70 -8.78
C GLU A 2 -0.51 0.40 -7.32
N TRP A 3 0.19 1.33 -6.65
CA TRP A 3 0.62 1.19 -5.26
C TRP A 3 -0.10 2.18 -4.32
N THR A 4 -0.35 1.79 -3.06
CA THR A 4 -1.02 2.62 -2.04
C THR A 4 -0.41 2.40 -0.64
N TRP A 5 -0.58 3.39 0.24
CA TRP A 5 0.08 3.45 1.54
C TRP A 5 -0.71 2.75 2.66
N ASP A 6 0.02 2.15 3.61
CA ASP A 6 -0.52 1.26 4.64
C ASP A 6 0.08 1.60 6.02
N ASP A 7 -0.54 2.55 6.72
CA ASP A 7 -0.19 2.99 8.08
C ASP A 7 -0.11 1.84 9.09
N ALA A 8 -0.87 0.76 8.89
CA ALA A 8 -0.85 -0.44 9.72
C ALA A 8 0.44 -1.29 9.55
N THR A 9 1.33 -0.91 8.61
CA THR A 9 2.69 -1.47 8.44
C THR A 9 3.77 -0.41 8.27
N LYS A 10 3.37 0.84 7.97
CA LYS A 10 4.24 1.94 7.56
C LYS A 10 5.03 1.57 6.29
N THR A 11 4.32 0.96 5.34
CA THR A 11 4.83 0.54 4.03
C THR A 11 3.81 0.81 2.93
N TRP A 12 4.20 0.49 1.69
CA TRP A 12 3.37 0.52 0.51
C TRP A 12 2.87 -0.89 0.19
N THR A 13 1.58 -1.00 -0.16
CA THR A 13 0.91 -2.21 -0.63
C THR A 13 0.35 -1.98 -2.03
N TRP A 14 -0.04 -3.06 -2.71
CA TRP A 14 -0.50 -3.01 -4.09
C TRP A 14 -2.02 -2.88 -4.15
N THR A 15 -2.47 -2.10 -5.13
CA THR A 15 -3.84 -1.66 -5.37
C THR A 15 -4.22 -2.16 -6.75
N GLU A 16 -4.88 -3.31 -6.78
CA GLU A 16 -5.27 -4.01 -8.02
C GLU A 16 -6.09 -3.14 -9.00
N GLY A 1 -4.88 -0.63 -11.51
CA GLY A 1 -3.93 -1.21 -10.55
C GLY A 1 -2.90 -0.19 -10.09
N GLU A 2 -2.77 0.00 -8.77
CA GLU A 2 -1.98 1.08 -8.21
C GLU A 2 -1.30 0.70 -6.88
N TRP A 3 -0.31 1.50 -6.44
CA TRP A 3 0.25 1.37 -5.10
C TRP A 3 -0.51 2.26 -4.10
N THR A 4 -0.60 1.81 -2.85
CA THR A 4 -1.27 2.47 -1.73
C THR A 4 -0.37 2.40 -0.49
N TRP A 5 -0.32 3.49 0.29
CA TRP A 5 0.47 3.55 1.53
C TRP A 5 -0.35 2.97 2.68
N ASP A 6 0.26 2.07 3.46
CA ASP A 6 -0.47 1.27 4.45
C ASP A 6 -0.01 1.57 5.88
N ASP A 7 -0.74 2.48 6.54
CA ASP A 7 -0.55 2.91 7.93
C ASP A 7 -0.55 1.76 8.95
N ALA A 8 -1.22 0.64 8.63
CA ALA A 8 -1.15 -0.61 9.38
C ALA A 8 0.25 -1.26 9.36
N THR A 9 1.20 -0.77 8.53
CA THR A 9 2.58 -1.29 8.39
C THR A 9 3.68 -0.25 8.21
N LYS A 10 3.38 1.00 7.83
CA LYS A 10 4.36 2.04 7.42
C LYS A 10 5.25 1.53 6.27
N THR A 11 4.58 0.93 5.28
CA THR A 11 5.14 0.33 4.07
C THR A 11 4.20 0.62 2.88
N TRP A 12 4.64 0.34 1.66
CA TRP A 12 3.80 0.42 0.46
C TRP A 12 3.21 -0.94 0.10
N THR A 13 1.95 -0.95 -0.31
CA THR A 13 1.15 -2.15 -0.61
C THR A 13 0.36 -1.93 -1.91
N TRP A 14 -0.04 -2.98 -2.63
CA TRP A 14 -0.68 -2.87 -3.95
C TRP A 14 -2.19 -3.09 -3.87
N THR A 15 -2.93 -2.20 -4.54
CA THR A 15 -4.39 -2.13 -4.60
C THR A 15 -4.79 -2.33 -6.06
N GLU A 16 -5.52 -3.41 -6.38
CA GLU A 16 -5.98 -3.67 -7.75
C GLU A 16 -7.20 -2.80 -8.14
N GLY A 1 -3.44 -1.56 -11.19
CA GLY A 1 -2.01 -1.52 -10.86
C GLY A 1 -1.56 -0.18 -10.33
N GLU A 2 -1.73 0.04 -9.02
CA GLU A 2 -1.21 1.22 -8.31
C GLU A 2 -0.60 0.84 -6.95
N TRP A 3 0.00 1.82 -6.28
CA TRP A 3 0.45 1.70 -4.90
C TRP A 3 -0.47 2.48 -3.96
N THR A 4 -0.74 1.89 -2.80
CA THR A 4 -1.51 2.46 -1.71
C THR A 4 -0.69 2.29 -0.43
N TRP A 5 -0.35 3.39 0.24
CA TRP A 5 0.34 3.36 1.53
C TRP A 5 -0.51 2.70 2.61
N ASP A 6 0.11 1.86 3.44
CA ASP A 6 -0.56 1.16 4.53
C ASP A 6 0.13 1.47 5.86
N ASP A 7 -0.27 2.59 6.47
CA ASP A 7 0.19 3.04 7.80
C ASP A 7 -0.07 2.04 8.93
N ALA A 8 -0.88 1.00 8.71
CA ALA A 8 -1.00 -0.12 9.66
C ALA A 8 0.33 -0.88 9.76
N THR A 9 1.27 -0.68 8.82
CA THR A 9 2.61 -1.29 8.82
C THR A 9 3.73 -0.35 8.36
N LYS A 10 3.42 0.92 8.03
CA LYS A 10 4.36 1.89 7.42
C LYS A 10 5.01 1.35 6.12
N THR A 11 4.32 0.45 5.40
CA THR A 11 4.74 -0.09 4.10
C THR A 11 3.86 0.45 2.98
N TRP A 12 4.29 0.21 1.73
CA TRP A 12 3.45 0.44 0.58
C TRP A 12 2.82 -0.89 0.17
N THR A 13 1.56 -0.88 -0.27
CA THR A 13 0.77 -2.04 -0.72
C THR A 13 0.36 -1.86 -2.17
N TRP A 14 0.33 -2.94 -2.95
CA TRP A 14 -0.02 -2.90 -4.38
C TRP A 14 -1.50 -3.29 -4.55
N THR A 15 -2.26 -2.44 -5.24
CA THR A 15 -3.71 -2.60 -5.42
C THR A 15 -4.01 -2.88 -6.90
N GLU A 16 -4.46 -4.10 -7.17
CA GLU A 16 -4.93 -4.61 -8.46
C GLU A 16 -6.42 -4.97 -8.41
N GLY A 1 -3.83 -2.39 -10.88
CA GLY A 1 -2.45 -2.79 -10.57
C GLY A 1 -1.64 -1.57 -10.20
N GLU A 2 -1.80 -1.14 -8.94
CA GLU A 2 -1.28 0.14 -8.44
C GLU A 2 -0.84 0.04 -6.97
N TRP A 3 -0.24 1.10 -6.45
CA TRP A 3 0.35 1.18 -5.12
C TRP A 3 -0.35 2.25 -4.27
N THR A 4 -0.57 1.95 -2.99
CA THR A 4 -1.02 2.91 -1.97
C THR A 4 -0.25 2.69 -0.65
N TRP A 5 -0.38 3.61 0.30
CA TRP A 5 0.28 3.57 1.60
C TRP A 5 -0.58 2.83 2.64
N ASP A 6 0.07 2.16 3.60
CA ASP A 6 -0.62 1.39 4.64
C ASP A 6 0.00 1.64 6.03
N ASP A 7 -0.55 2.61 6.77
CA ASP A 7 -0.12 2.98 8.13
C ASP A 7 -0.15 1.83 9.15
N ALA A 8 -1.00 0.82 8.97
CA ALA A 8 -0.97 -0.41 9.77
C ALA A 8 0.26 -1.31 9.48
N THR A 9 1.15 -0.86 8.58
CA THR A 9 2.46 -1.47 8.27
C THR A 9 3.62 -0.47 8.15
N LYS A 10 3.35 0.82 7.89
CA LYS A 10 4.33 1.85 7.51
C LYS A 10 5.12 1.43 6.25
N THR A 11 4.45 0.74 5.33
CA THR A 11 4.94 0.29 4.01
C THR A 11 3.99 0.75 2.89
N TRP A 12 4.40 0.52 1.64
CA TRP A 12 3.56 0.69 0.45
C TRP A 12 2.99 -0.70 0.07
N THR A 13 1.72 -0.73 -0.32
CA THR A 13 0.89 -1.92 -0.53
C THR A 13 0.21 -1.86 -1.90
N TRP A 14 0.13 -3.02 -2.56
CA TRP A 14 -0.34 -3.19 -3.94
C TRP A 14 -1.84 -3.49 -3.99
N THR A 15 -2.57 -2.69 -4.76
CA THR A 15 -3.99 -2.91 -5.11
C THR A 15 -4.03 -3.49 -6.52
N GLU A 16 -4.29 -4.81 -6.62
CA GLU A 16 -4.21 -5.53 -7.88
C GLU A 16 -5.36 -5.20 -8.86
N GLY A 1 -4.46 -2.06 -11.34
CA GLY A 1 -3.27 -2.33 -10.51
C GLY A 1 -2.47 -1.06 -10.23
N GLU A 2 -2.42 -0.65 -8.96
CA GLU A 2 -1.81 0.59 -8.47
C GLU A 2 -1.17 0.42 -7.07
N TRP A 3 -0.50 1.47 -6.55
CA TRP A 3 0.19 1.46 -5.26
C TRP A 3 -0.44 2.41 -4.23
N THR A 4 -0.76 1.87 -3.05
CA THR A 4 -1.29 2.58 -1.87
C THR A 4 -0.28 2.56 -0.71
N TRP A 5 -0.50 3.40 0.30
CA TRP A 5 0.28 3.42 1.54
C TRP A 5 -0.52 2.76 2.67
N ASP A 6 0.12 1.86 3.44
CA ASP A 6 -0.55 1.02 4.43
C ASP A 6 -0.03 1.33 5.85
N ASP A 7 -0.61 2.38 6.43
CA ASP A 7 -0.26 2.97 7.73
C ASP A 7 -0.10 1.96 8.88
N ALA A 8 -0.97 0.95 8.98
CA ALA A 8 -0.91 -0.08 10.03
C ALA A 8 0.34 -0.99 9.95
N THR A 9 1.14 -0.83 8.87
CA THR A 9 2.40 -1.52 8.59
C THR A 9 3.57 -0.56 8.28
N LYS A 10 3.28 0.71 7.97
CA LYS A 10 4.20 1.76 7.50
C LYS A 10 5.06 1.30 6.31
N THR A 11 4.38 0.83 5.27
CA THR A 11 5.00 0.41 4.02
C THR A 11 4.05 0.70 2.84
N TRP A 12 4.48 0.42 1.62
CA TRP A 12 3.64 0.58 0.43
C TRP A 12 3.04 -0.77 0.04
N THR A 13 1.75 -0.77 -0.36
CA THR A 13 0.93 -1.96 -0.61
C THR A 13 0.17 -1.81 -1.93
N TRP A 14 0.41 -2.78 -2.81
CA TRP A 14 -0.20 -2.93 -4.12
C TRP A 14 -1.66 -3.39 -4.04
N THR A 15 -2.52 -2.84 -4.92
CA THR A 15 -3.89 -3.33 -5.06
C THR A 15 -4.32 -3.34 -6.54
N GLU A 16 -5.24 -4.24 -6.88
CA GLU A 16 -5.78 -4.41 -8.23
C GLU A 16 -7.28 -4.09 -8.31
N GLY A 1 -4.69 -2.49 -11.12
CA GLY A 1 -4.46 -2.17 -9.71
C GLY A 1 -3.44 -1.06 -9.51
N GLU A 2 -3.18 -0.72 -8.25
CA GLU A 2 -2.34 0.41 -7.86
C GLU A 2 -1.56 0.13 -6.57
N TRP A 3 -0.52 0.91 -6.30
CA TRP A 3 0.19 0.92 -5.01
C TRP A 3 -0.30 2.09 -4.16
N THR A 4 -0.48 1.86 -2.86
CA THR A 4 -0.94 2.85 -1.87
C THR A 4 -0.14 2.71 -0.56
N TRP A 5 -0.22 3.72 0.30
CA TRP A 5 0.34 3.67 1.65
C TRP A 5 -0.59 2.90 2.60
N ASP A 6 0.02 2.23 3.58
CA ASP A 6 -0.72 1.56 4.65
C ASP A 6 -0.05 1.77 6.01
N ASP A 7 -0.53 2.75 6.76
CA ASP A 7 -0.06 3.09 8.11
C ASP A 7 -0.10 1.92 9.12
N ALA A 8 -0.89 0.85 8.86
CA ALA A 8 -0.91 -0.37 9.67
C ALA A 8 0.27 -1.33 9.39
N THR A 9 1.02 -1.11 8.31
CA THR A 9 2.27 -1.81 7.97
C THR A 9 3.45 -0.82 7.88
N LYS A 10 3.17 0.49 7.84
CA LYS A 10 4.11 1.60 7.60
C LYS A 10 4.95 1.33 6.35
N THR A 11 4.28 0.96 5.26
CA THR A 11 4.90 0.61 3.97
C THR A 11 3.92 0.93 2.82
N TRP A 12 4.39 0.80 1.58
CA TRP A 12 3.62 0.99 0.35
C TRP A 12 3.20 -0.38 -0.22
N THR A 13 1.90 -0.68 -0.24
CA THR A 13 1.31 -1.99 -0.56
C THR A 13 0.42 -1.95 -1.81
N TRP A 14 0.16 -3.10 -2.42
CA TRP A 14 -0.50 -3.26 -3.72
C TRP A 14 -1.98 -3.61 -3.54
N THR A 15 -2.86 -3.00 -4.36
CA THR A 15 -4.31 -3.23 -4.32
C THR A 15 -4.82 -3.54 -5.74
N GLU A 16 -5.53 -4.66 -5.87
CA GLU A 16 -6.07 -5.22 -7.12
C GLU A 16 -7.44 -5.88 -6.85
N GLY A 1 -3.82 -0.95 -11.01
CA GLY A 1 -2.48 -1.32 -10.54
C GLY A 1 -1.69 -0.12 -10.07
N GLU A 2 -1.95 0.36 -8.85
CA GLU A 2 -1.12 1.37 -8.20
C GLU A 2 -0.59 0.88 -6.85
N TRP A 3 0.40 1.57 -6.29
CA TRP A 3 0.85 1.36 -4.93
C TRP A 3 0.08 2.33 -4.02
N THR A 4 -0.58 1.80 -2.99
CA THR A 4 -1.30 2.52 -1.92
C THR A 4 -0.55 2.36 -0.59
N TRP A 5 -0.85 3.20 0.40
CA TRP A 5 -0.10 3.33 1.63
C TRP A 5 -0.76 2.60 2.81
N ASP A 6 -0.07 1.58 3.35
CA ASP A 6 -0.53 0.81 4.50
C ASP A 6 0.19 1.29 5.77
N ASP A 7 -0.41 2.31 6.37
CA ASP A 7 -0.08 2.85 7.69
C ASP A 7 -0.22 1.83 8.84
N ALA A 8 -0.89 0.69 8.61
CA ALA A 8 -0.92 -0.41 9.58
C ALA A 8 0.48 -0.99 9.89
N THR A 9 1.44 -0.84 8.97
CA THR A 9 2.86 -1.22 9.17
C THR A 9 3.88 -0.20 8.66
N LYS A 10 3.44 0.87 7.98
CA LYS A 10 4.24 1.95 7.36
C LYS A 10 5.03 1.46 6.14
N THR A 11 4.28 0.91 5.19
CA THR A 11 4.77 0.40 3.92
C THR A 11 3.82 0.77 2.79
N TRP A 12 4.23 0.46 1.54
CA TRP A 12 3.35 0.52 0.39
C TRP A 12 2.82 -0.90 0.07
N THR A 13 1.59 -0.98 -0.45
CA THR A 13 0.86 -2.20 -0.85
C THR A 13 0.21 -1.98 -2.21
N TRP A 14 -0.02 -3.05 -2.99
CA TRP A 14 -0.53 -2.90 -4.36
C TRP A 14 -2.07 -2.88 -4.40
N THR A 15 -2.61 -2.11 -5.33
CA THR A 15 -4.03 -1.75 -5.47
C THR A 15 -4.48 -2.12 -6.88
N GLU A 16 -5.19 -3.24 -6.97
CA GLU A 16 -5.81 -3.78 -8.19
C GLU A 16 -7.21 -4.33 -7.91
N GLY A 1 -5.02 -1.33 -10.51
CA GLY A 1 -3.60 -1.71 -10.45
C GLY A 1 -2.71 -0.51 -10.12
N GLU A 2 -2.63 -0.17 -8.84
CA GLU A 2 -1.85 0.96 -8.32
C GLU A 2 -1.09 0.61 -7.02
N TRP A 3 -0.21 1.51 -6.58
CA TRP A 3 0.42 1.43 -5.26
C TRP A 3 -0.31 2.34 -4.27
N THR A 4 -0.54 1.84 -3.07
CA THR A 4 -1.29 2.43 -1.95
C THR A 4 -0.43 2.43 -0.68
N TRP A 5 -0.69 3.34 0.26
CA TRP A 5 0.03 3.40 1.52
C TRP A 5 -0.73 2.66 2.64
N ASP A 6 -0.02 1.88 3.48
CA ASP A 6 -0.59 1.09 4.57
C ASP A 6 0.08 1.43 5.92
N ASP A 7 -0.41 2.49 6.56
CA ASP A 7 0.01 3.03 7.85
C ASP A 7 0.11 2.01 9.00
N ALA A 8 -0.84 1.07 9.10
CA ALA A 8 -0.82 -0.01 10.08
C ALA A 8 0.45 -0.88 10.05
N THR A 9 1.17 -0.89 8.92
CA THR A 9 2.42 -1.64 8.64
C THR A 9 3.55 -0.70 8.21
N LYS A 10 3.31 0.62 8.24
CA LYS A 10 4.13 1.71 7.69
C LYS A 10 4.85 1.35 6.38
N THR A 11 4.12 0.76 5.42
CA THR A 11 4.71 0.39 4.12
C THR A 11 3.79 0.68 2.93
N TRP A 12 4.32 0.49 1.72
CA TRP A 12 3.59 0.65 0.47
C TRP A 12 3.11 -0.72 -0.04
N THR A 13 1.83 -0.77 -0.40
CA THR A 13 1.06 -1.96 -0.78
C THR A 13 0.52 -1.82 -2.20
N TRP A 14 0.12 -2.95 -2.82
CA TRP A 14 -0.38 -2.98 -4.19
C TRP A 14 -1.88 -3.25 -4.17
N THR A 15 -2.62 -2.55 -5.03
CA THR A 15 -4.08 -2.52 -5.01
C THR A 15 -4.66 -2.52 -6.43
N GLU A 16 -5.51 -3.51 -6.71
CA GLU A 16 -6.06 -3.83 -8.04
C GLU A 16 -7.57 -4.01 -7.97
N GLY A 1 -5.21 -1.60 -10.01
CA GLY A 1 -3.79 -2.00 -10.06
C GLY A 1 -2.93 -0.79 -9.80
N GLU A 2 -2.73 -0.47 -8.51
CA GLU A 2 -2.09 0.76 -8.04
C GLU A 2 -1.35 0.53 -6.72
N TRP A 3 -0.50 1.48 -6.31
CA TRP A 3 0.09 1.48 -4.96
C TRP A 3 -0.73 2.36 -4.03
N THR A 4 -0.89 1.88 -2.79
CA THR A 4 -1.45 2.66 -1.69
C THR A 4 -0.54 2.54 -0.48
N TRP A 5 -0.45 3.60 0.31
CA TRP A 5 0.31 3.60 1.57
C TRP A 5 -0.53 2.95 2.66
N ASP A 6 0.13 2.16 3.50
CA ASP A 6 -0.54 1.31 4.46
C ASP A 6 0.10 1.55 5.83
N ASP A 7 -0.40 2.61 6.48
CA ASP A 7 0.03 3.12 7.79
C ASP A 7 -0.12 2.09 8.92
N ALA A 8 -0.91 1.05 8.70
CA ALA A 8 -1.08 -0.10 9.59
C ALA A 8 0.11 -1.08 9.54
N THR A 9 1.07 -0.88 8.62
CA THR A 9 2.38 -1.57 8.56
C THR A 9 3.55 -0.64 8.26
N LYS A 10 3.28 0.61 7.84
CA LYS A 10 4.26 1.64 7.47
C LYS A 10 5.15 1.18 6.28
N THR A 11 4.53 0.59 5.26
CA THR A 11 5.10 0.21 3.94
C THR A 11 4.14 0.62 2.80
N TRP A 12 4.54 0.41 1.55
CA TRP A 12 3.64 0.56 0.40
C TRP A 12 3.04 -0.80 0.01
N THR A 13 1.74 -0.77 -0.31
CA THR A 13 0.86 -1.93 -0.54
C THR A 13 0.37 -1.87 -1.98
N TRP A 14 0.63 -2.91 -2.76
CA TRP A 14 0.05 -3.02 -4.10
C TRP A 14 -1.39 -3.52 -3.99
N THR A 15 -2.28 -2.88 -4.74
CA THR A 15 -3.71 -3.18 -4.79
C THR A 15 -4.11 -3.37 -6.25
N GLU A 16 -4.37 -4.63 -6.65
CA GLU A 16 -4.96 -4.96 -7.93
C GLU A 16 -6.12 -5.96 -7.76
#